data_2XC0
#
_entry.id   2XC0
#
_cell.length_a   105.410
_cell.length_b   105.410
_cell.length_c   50.950
_cell.angle_alpha   90.00
_cell.angle_beta   90.00
_cell.angle_gamma   90.00
#
_symmetry.space_group_name_H-M   'P 43 21 2'
#
loop_
_entity.id
_entity.type
_entity.pdbx_description
1 polymer 'ACTIVATED FACTOR XA HEAVY CHAIN'
2 polymer 'FACTOR X LIGHT CHAIN'
3 non-polymer '(3R,4R)-1-METHANESULFONYL-PYRROLIDINE-3,4--DICARBOXYLIC ACID 3-[(3-FLUORO-4-METHOXY-PHENYL)-AMIDE] 4-{[2-FLUORO-4-(2-OXO-2H-PYRIDIN-1-YL)-PHENYL]-AMIDE}'
4 non-polymer 'CALCIUM ION'
5 non-polymer 'SODIUM ION'
6 water water
#
loop_
_entity_poly.entity_id
_entity_poly.type
_entity_poly.pdbx_seq_one_letter_code
_entity_poly.pdbx_strand_id
1 'polypeptide(L)'
;IVGGQECKDGECPWQALLINEENEGFCGGTILSEFYILTAAHCLYQAKRFKVRVGDRNTEQEEGGEAVHEVEVVIKHNRF
TKETYDFDIAVLRLKTPITFRMNVAPACLPERDWAESTLMTQKTGIVSGFGRTHEKGRQSTRLKMLEVPYVDRNSCKLSS
SFIITQNMFCAGYDTKQEDACQGDSGGPHVTRFKDTYFVTGIVSWGEGCARKGKYGIYTKVTAFLKWIDRSMKTRGLPKA
K
;
A
2 'polypeptide(L)' RKLCSLDNGDCDQFCHEEQNSVVCSCARGYTLADNGKACIPTGPYPCGKQTLERR L
#
# COMPACT_ATOMS: atom_id res chain seq x y z
N ILE A 1 -9.86 -8.46 -3.56
CA ILE A 1 -10.74 -7.27 -3.71
C ILE A 1 -12.22 -7.65 -4.03
N VAL A 2 -13.14 -7.15 -3.22
CA VAL A 2 -14.58 -7.32 -3.49
C VAL A 2 -15.02 -6.08 -4.26
N GLY A 3 -15.65 -6.30 -5.41
CA GLY A 3 -16.04 -5.19 -6.28
C GLY A 3 -14.77 -4.65 -6.93
N GLY A 4 -14.72 -3.34 -7.18
CA GLY A 4 -13.55 -2.77 -7.85
C GLY A 4 -13.43 -3.28 -9.29
N GLN A 5 -12.24 -3.14 -9.88
CA GLN A 5 -11.97 -3.47 -11.28
C GLN A 5 -10.54 -4.02 -11.39
N GLU A 6 -10.24 -4.83 -12.40
CA GLU A 6 -8.86 -5.22 -12.71
C GLU A 6 -7.98 -3.99 -12.92
N CYS A 7 -6.74 -3.98 -12.40
CA CYS A 7 -5.81 -2.85 -12.71
C CYS A 7 -5.45 -2.88 -14.18
N LYS A 8 -5.42 -1.71 -14.79
CA LYS A 8 -4.94 -1.58 -16.15
C LYS A 8 -3.43 -1.67 -16.10
N ASP A 9 -2.86 -2.01 -17.25
CA ASP A 9 -1.43 -2.13 -17.41
C ASP A 9 -0.74 -0.87 -16.89
N GLY A 10 0.19 -1.06 -15.96
CA GLY A 10 0.97 0.04 -15.37
C GLY A 10 0.28 0.90 -14.32
N GLU A 11 -0.94 0.54 -13.93
CA GLU A 11 -1.72 1.36 -13.00
C GLU A 11 -1.41 1.06 -11.54
N CYS A 12 -0.91 -0.13 -11.26
CA CYS A 12 -0.63 -0.56 -9.88
C CYS A 12 0.81 -1.10 -9.77
N PRO A 13 1.81 -0.30 -10.19
CA PRO A 13 3.14 -0.85 -10.38
C PRO A 13 3.85 -1.15 -9.07
N TRP A 14 3.36 -0.57 -7.97
CA TRP A 14 3.94 -0.80 -6.65
C TRP A 14 3.46 -2.07 -5.96
N GLN A 15 2.49 -2.77 -6.58
CA GLN A 15 1.96 -4.03 -6.05
C GLN A 15 3.05 -5.10 -6.00
N ALA A 16 3.19 -5.74 -4.83
CA ALA A 16 4.02 -6.92 -4.72
C ALA A 16 3.12 -8.03 -4.23
N LEU A 17 3.49 -9.25 -4.55
CA LEU A 17 2.75 -10.42 -4.06
C LEU A 17 3.68 -11.36 -3.30
N LEU A 18 3.29 -11.70 -2.07
CA LEU A 18 4.04 -12.68 -1.29
C LEU A 18 3.52 -14.06 -1.69
N ILE A 19 4.43 -14.97 -2.03
CA ILE A 19 4.04 -16.31 -2.47
C ILE A 19 4.63 -17.37 -1.54
N ASN A 20 3.81 -18.35 -1.19
CA ASN A 20 4.22 -19.36 -0.23
C ASN A 20 4.96 -20.49 -0.98
N GLU A 21 5.31 -21.55 -0.27
CA GLU A 21 6.02 -22.72 -0.83
C GLU A 21 5.24 -23.40 -1.95
N GLU A 22 3.91 -23.41 -1.82
CA GLU A 22 3.02 -23.94 -2.83
C GLU A 22 2.90 -23.04 -4.07
N ASN A 23 3.75 -22.02 -4.14
CA ASN A 23 3.74 -21.01 -5.22
C ASN A 23 2.46 -20.17 -5.30
N GLU A 24 1.73 -20.15 -4.19
CA GLU A 24 0.43 -19.48 -4.14
C GLU A 24 0.57 -18.15 -3.40
N GLY A 25 -0.04 -17.10 -3.96
CA GLY A 25 -0.06 -15.78 -3.35
C GLY A 25 -0.95 -15.80 -2.12
N PHE A 26 -0.46 -15.27 -1.01
CA PHE A 26 -1.24 -15.29 0.24
C PHE A 26 -1.40 -13.90 0.87
N CYS A 27 -0.58 -12.94 0.43
CA CYS A 27 -0.57 -11.57 0.97
C CYS A 27 0.00 -10.62 -0.08
N GLY A 28 -0.31 -9.34 0.08
CA GLY A 28 0.26 -8.31 -0.77
C GLY A 28 1.45 -7.62 -0.09
N GLY A 29 1.98 -6.64 -0.79
CA GLY A 29 3.13 -5.85 -0.34
C GLY A 29 3.16 -4.63 -1.24
N THR A 30 3.90 -3.61 -0.80
CA THR A 30 4.11 -2.37 -1.57
C THR A 30 5.60 -2.22 -1.81
N ILE A 31 5.95 -2.03 -3.08
CA ILE A 31 7.35 -1.69 -3.42
C ILE A 31 7.65 -0.28 -2.91
N LEU A 32 8.67 -0.18 -2.06
CA LEU A 32 9.14 1.09 -1.55
C LEU A 32 10.44 1.56 -2.21
N SER A 33 11.33 0.62 -2.55
CA SER A 33 12.57 0.95 -3.24
C SER A 33 13.04 -0.31 -3.93
N GLU A 34 14.21 -0.28 -4.55
CA GLU A 34 14.70 -1.49 -5.24
C GLU A 34 14.95 -2.64 -4.27
N PHE A 35 15.25 -2.32 -3.01
CA PHE A 35 15.53 -3.37 -2.02
C PHE A 35 14.42 -3.63 -0.98
N TYR A 36 13.40 -2.78 -0.92
CA TYR A 36 12.43 -2.86 0.19
C TYR A 36 10.98 -2.98 -0.21
N ILE A 37 10.32 -3.93 0.47
CA ILE A 37 8.90 -4.17 0.35
C ILE A 37 8.23 -3.86 1.69
N LEU A 38 7.09 -3.17 1.63
CA LEU A 38 6.30 -2.88 2.82
C LEU A 38 5.14 -3.86 2.86
N THR A 39 4.94 -4.51 4.00
CA THR A 39 3.83 -5.45 4.15
C THR A 39 3.24 -5.40 5.57
N ALA A 40 2.32 -6.31 5.89
CA ALA A 40 1.71 -6.33 7.21
C ALA A 40 2.48 -7.33 8.05
N ALA A 41 2.72 -7.03 9.33
CA ALA A 41 3.32 -8.01 10.25
C ALA A 41 2.56 -9.34 10.33
N HIS A 42 1.22 -9.31 10.30
CA HIS A 42 0.45 -10.54 10.46
C HIS A 42 0.64 -11.51 9.30
N CYS A 43 1.06 -10.98 8.15
CA CYS A 43 1.35 -11.81 6.98
C CYS A 43 2.53 -12.78 7.19
N LEU A 44 3.46 -12.42 8.07
CA LEU A 44 4.68 -13.19 8.29
C LEU A 44 4.40 -14.53 8.97
N TYR A 45 3.26 -14.63 9.63
CA TYR A 45 2.86 -15.83 10.37
C TYR A 45 2.25 -16.88 9.46
N GLN A 46 1.68 -16.44 8.35
CA GLN A 46 0.88 -17.29 7.47
C GLN A 46 1.67 -18.26 6.60
N ALA A 47 2.96 -18.00 6.42
CA ALA A 47 3.81 -18.89 5.65
C ALA A 47 5.20 -18.91 6.25
N LYS A 48 5.66 -20.10 6.64
CA LYS A 48 6.99 -20.27 7.25
C LYS A 48 8.09 -19.80 6.29
N ARG A 49 7.88 -20.02 4.99
CA ARG A 49 8.80 -19.54 3.97
C ARG A 49 8.04 -18.87 2.82
N PHE A 50 8.53 -17.72 2.37
CA PHE A 50 7.88 -17.04 1.24
C PHE A 50 8.84 -16.24 0.40
N LYS A 51 8.39 -15.93 -0.81
CA LYS A 51 9.12 -15.07 -1.73
C LYS A 51 8.20 -13.93 -2.15
N VAL A 52 8.81 -12.96 -2.82
CA VAL A 52 8.11 -11.82 -3.36
C VAL A 52 8.09 -11.86 -4.90
N ARG A 53 6.91 -11.75 -5.49
CA ARG A 53 6.80 -11.61 -6.94
C ARG A 53 6.38 -10.19 -7.25
N VAL A 54 7.07 -9.58 -8.22
CA VAL A 54 6.71 -8.25 -8.69
C VAL A 54 6.33 -8.34 -10.17
N GLY A 55 5.60 -7.34 -10.66
CA GLY A 55 5.27 -7.27 -12.08
C GLY A 55 4.16 -8.19 -12.53
N ASP A 56 3.55 -8.90 -11.59
CA ASP A 56 2.52 -9.83 -11.99
C ASP A 56 1.16 -9.14 -12.02
N ARG A 57 0.36 -9.48 -13.01
CA ARG A 57 -1.00 -8.95 -13.10
C ARG A 57 -2.01 -10.08 -13.21
N ASN A 58 -1.54 -11.24 -13.67
CA ASN A 58 -2.38 -12.41 -13.85
C ASN A 58 -1.61 -13.61 -13.36
N THR A 59 -2.04 -14.20 -12.25
CA THR A 59 -1.26 -15.28 -11.62
C THR A 59 -1.35 -16.61 -12.37
N GLU A 60 -2.26 -16.71 -13.35
CA GLU A 60 -2.42 -17.92 -14.15
C GLU A 60 -1.55 -17.93 -15.41
N GLN A 61 -1.03 -16.78 -15.79
CA GLN A 61 -0.27 -16.62 -17.02
C GLN A 61 1.06 -15.99 -16.69
N GLU A 62 2.15 -16.52 -17.26
CA GLU A 62 3.43 -15.87 -17.13
C GLU A 62 3.59 -14.84 -18.24
N GLU A 63 3.62 -13.57 -17.86
CA GLU A 63 3.81 -12.49 -18.82
C GLU A 63 5.10 -11.74 -18.53
N GLY A 64 5.59 -11.02 -19.53
CA GLY A 64 6.84 -10.27 -19.40
C GLY A 64 6.81 -9.33 -18.22
N GLY A 65 7.94 -9.20 -17.54
CA GLY A 65 8.04 -8.28 -16.42
C GLY A 65 7.88 -8.91 -15.05
N GLU A 66 7.30 -10.11 -14.98
CA GLU A 66 7.27 -10.84 -13.73
C GLU A 66 8.66 -11.27 -13.28
N ALA A 67 8.93 -11.11 -11.98
CA ALA A 67 10.19 -11.53 -11.41
C ALA A 67 10.02 -11.91 -9.95
N VAL A 68 10.75 -12.94 -9.53
CA VAL A 68 10.66 -13.44 -8.15
C VAL A 68 11.92 -13.05 -7.40
N HIS A 69 11.74 -12.64 -6.14
CA HIS A 69 12.85 -12.22 -5.32
C HIS A 69 12.85 -12.98 -3.98
N GLU A 70 14.02 -13.45 -3.55
CA GLU A 70 14.18 -14.01 -2.20
C GLU A 70 14.24 -12.86 -1.20
N VAL A 71 13.70 -13.08 -0.01
CA VAL A 71 13.75 -12.06 1.04
C VAL A 71 15.03 -12.33 1.83
N GLU A 72 15.86 -11.32 1.99
CA GLU A 72 17.07 -11.47 2.82
C GLU A 72 16.82 -11.23 4.32
N VAL A 73 16.06 -10.19 4.64
CA VAL A 73 15.80 -9.82 6.03
C VAL A 73 14.33 -9.42 6.22
N VAL A 74 13.73 -9.96 7.28
CA VAL A 74 12.39 -9.59 7.68
C VAL A 74 12.50 -8.68 8.89
N ILE A 75 11.97 -7.48 8.77
CA ILE A 75 11.91 -6.55 9.87
C ILE A 75 10.43 -6.38 10.26
N LYS A 76 10.02 -7.08 11.30
CA LYS A 76 8.64 -7.03 11.76
C LYS A 76 8.56 -6.04 12.96
N HIS A 77 7.53 -5.21 13.03
CA HIS A 77 7.40 -4.32 14.21
C HIS A 77 7.33 -5.15 15.48
N ASN A 78 8.26 -4.91 16.41
CA ASN A 78 8.30 -5.63 17.70
C ASN A 78 7.03 -5.53 18.55
N ARG A 79 6.16 -4.55 18.29
CA ARG A 79 4.94 -4.43 19.12
C ARG A 79 3.69 -5.04 18.48
N PHE A 80 3.85 -5.63 17.31
CA PHE A 80 2.72 -6.28 16.69
C PHE A 80 2.27 -7.43 17.58
N THR A 81 0.97 -7.60 17.72
CA THR A 81 0.42 -8.78 18.39
C THR A 81 -0.90 -9.11 17.76
N LYS A 82 -1.18 -10.41 17.59
CA LYS A 82 -2.48 -10.86 17.08
C LYS A 82 -3.65 -10.55 18.00
N GLU A 83 -3.38 -10.24 19.27
CA GLU A 83 -4.43 -9.87 20.21
C GLU A 83 -5.16 -8.59 19.76
N THR A 84 -4.40 -7.62 19.25
CA THR A 84 -4.95 -6.32 18.90
C THR A 84 -4.86 -6.01 17.41
N TYR A 85 -3.99 -6.73 16.70
CA TYR A 85 -3.61 -6.38 15.32
C TYR A 85 -3.03 -4.97 15.21
N ASP A 86 -2.60 -4.41 16.33
CA ASP A 86 -1.96 -3.11 16.34
C ASP A 86 -0.51 -3.27 15.85
N PHE A 87 0.09 -2.18 15.35
CA PHE A 87 1.45 -2.20 14.84
C PHE A 87 1.62 -3.24 13.72
N ASP A 88 0.61 -3.30 12.85
CA ASP A 88 0.57 -4.32 11.82
C ASP A 88 1.39 -3.87 10.60
N ILE A 89 2.71 -3.89 10.79
CA ILE A 89 3.62 -3.43 9.76
C ILE A 89 4.90 -4.23 9.78
N ALA A 90 5.40 -4.50 8.57
CA ALA A 90 6.71 -5.14 8.41
C ALA A 90 7.42 -4.59 7.19
N VAL A 91 8.75 -4.67 7.21
CA VAL A 91 9.55 -4.31 6.05
C VAL A 91 10.41 -5.51 5.64
N LEU A 92 10.44 -5.80 4.35
CA LEU A 92 11.23 -6.90 3.83
C LEU A 92 12.40 -6.33 3.03
N ARG A 93 13.63 -6.68 3.42
CA ARG A 93 14.77 -6.40 2.56
C ARG A 93 14.99 -7.58 1.63
N LEU A 94 15.01 -7.31 0.34
CA LEU A 94 15.19 -8.35 -0.68
C LEU A 94 16.68 -8.68 -0.91
N LYS A 95 16.98 -9.94 -1.23
CA LYS A 95 18.36 -10.38 -1.52
C LYS A 95 18.98 -9.63 -2.70
N THR A 96 18.16 -9.40 -3.73
CA THR A 96 18.59 -8.81 -5.00
C THR A 96 17.67 -7.66 -5.40
N PRO A 97 18.24 -6.54 -5.88
CA PRO A 97 17.48 -5.32 -6.18
C PRO A 97 16.42 -5.55 -7.25
N ILE A 98 15.27 -4.91 -7.08
CA ILE A 98 14.21 -4.91 -8.09
C ILE A 98 14.64 -3.96 -9.21
N THR A 99 14.41 -4.38 -10.46
CA THR A 99 14.64 -3.54 -11.63
C THR A 99 13.33 -2.90 -12.02
N PHE A 100 13.25 -1.59 -11.90
CA PHE A 100 12.00 -0.91 -12.18
C PHE A 100 11.74 -0.93 -13.68
N ARG A 101 10.48 -1.14 -14.02
CA ARG A 101 10.09 -1.27 -15.40
C ARG A 101 8.60 -1.03 -15.44
N MET A 102 7.97 -1.30 -16.57
CA MET A 102 6.52 -1.29 -16.68
C MET A 102 5.93 -2.25 -15.63
N ASN A 103 4.93 -1.77 -14.89
CA ASN A 103 4.28 -2.55 -13.83
C ASN A 103 5.12 -2.78 -12.57
N VAL A 104 6.28 -2.16 -12.48
CA VAL A 104 7.19 -2.36 -11.35
C VAL A 104 7.86 -1.05 -11.03
N ALA A 105 7.38 -0.39 -9.98
CA ALA A 105 7.86 0.91 -9.62
C ALA A 105 7.37 1.22 -8.19
N PRO A 106 8.17 1.95 -7.41
CA PRO A 106 7.82 2.20 -6.01
C PRO A 106 6.70 3.19 -5.85
N ALA A 107 5.98 3.06 -4.74
CA ALA A 107 5.05 4.09 -4.28
C ALA A 107 5.87 5.06 -3.44
N CYS A 108 5.50 6.35 -3.43
CA CYS A 108 6.25 7.35 -2.64
C CYS A 108 5.90 7.31 -1.16
N LEU A 109 6.90 7.51 -0.31
CA LEU A 109 6.67 7.73 1.11
C LEU A 109 6.54 9.23 1.35
N PRO A 110 5.47 9.64 2.04
CA PRO A 110 5.32 11.07 2.36
C PRO A 110 6.04 11.49 3.64
N GLU A 111 6.17 12.80 3.84
CA GLU A 111 6.58 13.38 5.12
C GLU A 111 5.41 13.32 6.12
N ARG A 112 5.70 13.03 7.39
CA ARG A 112 4.65 12.78 8.38
C ARG A 112 3.62 13.90 8.48
N ASP A 113 4.09 15.08 8.90
CA ASP A 113 3.18 16.20 9.18
C ASP A 113 2.33 16.56 7.96
N TRP A 114 2.94 16.59 6.78
CA TRP A 114 2.21 16.90 5.54
C TRP A 114 1.18 15.84 5.16
N ALA A 115 1.50 14.56 5.36
CA ALA A 115 0.58 13.50 4.98
C ALA A 115 -0.69 13.58 5.86
N GLU A 116 -0.49 13.68 7.17
CA GLU A 116 -1.56 13.78 8.17
C GLU A 116 -2.53 14.92 7.87
N SER A 117 -1.97 16.05 7.47
CA SER A 117 -2.77 17.25 7.21
C SER A 117 -3.29 17.36 5.77
N THR A 118 -2.57 16.78 4.82
CA THR A 118 -2.89 17.00 3.39
C THR A 118 -3.35 15.75 2.64
N LEU A 119 -2.70 14.61 2.91
CA LEU A 119 -3.03 13.36 2.22
C LEU A 119 -4.23 12.64 2.83
N MET A 120 -4.20 12.49 4.15
CA MET A 120 -5.22 11.73 4.88
C MET A 120 -6.55 12.48 4.90
N THR A 121 -6.49 13.77 4.61
CA THR A 121 -7.71 14.59 4.51
C THR A 121 -8.34 14.56 3.13
N GLN A 122 -7.71 13.85 2.18
CA GLN A 122 -8.35 13.62 0.87
C GLN A 122 -9.57 12.75 1.04
N LYS A 123 -10.45 12.74 0.03
CA LYS A 123 -11.72 12.03 0.10
C LYS A 123 -11.53 10.52 0.02
N THR A 124 -10.61 10.08 -0.85
CA THR A 124 -10.42 8.66 -1.12
C THR A 124 -8.96 8.24 -1.28
N GLY A 125 -8.75 6.93 -1.18
CA GLY A 125 -7.48 6.29 -1.42
C GLY A 125 -7.75 5.14 -2.36
N ILE A 126 -6.68 4.46 -2.77
CA ILE A 126 -6.80 3.31 -3.66
C ILE A 126 -6.14 2.09 -3.00
N VAL A 127 -6.87 0.99 -2.93
CA VAL A 127 -6.36 -0.29 -2.45
C VAL A 127 -6.30 -1.28 -3.61
N SER A 128 -5.35 -2.22 -3.57
CA SER A 128 -5.19 -3.21 -4.66
C SER A 128 -4.66 -4.53 -4.15
N GLY A 129 -4.91 -5.59 -4.90
CA GLY A 129 -4.38 -6.89 -4.59
C GLY A 129 -5.03 -8.04 -5.32
N PHE A 130 -4.61 -9.23 -4.94
CA PHE A 130 -5.02 -10.46 -5.55
C PHE A 130 -5.95 -11.27 -4.67
N GLY A 131 -6.45 -10.67 -3.59
CA GLY A 131 -7.22 -11.42 -2.61
C GLY A 131 -8.61 -11.82 -3.04
N ARG A 132 -9.37 -12.40 -2.09
CA ARG A 132 -10.72 -12.92 -2.37
C ARG A 132 -11.64 -11.87 -2.97
N THR A 133 -12.44 -12.31 -3.93
CA THR A 133 -13.40 -11.46 -4.61
C THR A 133 -14.77 -11.48 -3.91
N HIS A 134 -14.93 -12.42 -2.99
CA HIS A 134 -16.06 -12.45 -2.07
C HIS A 134 -15.54 -12.96 -0.74
N GLU A 135 -16.23 -12.62 0.34
CA GLU A 135 -15.81 -12.98 1.68
C GLU A 135 -15.35 -14.43 1.83
N LYS A 136 -16.15 -15.38 1.36
CA LYS A 136 -15.82 -16.79 1.56
C LYS A 136 -15.25 -17.46 0.29
N GLY A 137 -15.12 -16.66 -0.77
CA GLY A 137 -14.76 -17.15 -2.10
C GLY A 137 -13.27 -17.30 -2.36
N ARG A 138 -12.94 -17.46 -3.64
CA ARG A 138 -11.57 -17.70 -4.11
C ARG A 138 -10.80 -16.40 -4.27
N GLN A 139 -9.48 -16.50 -4.13
CA GLN A 139 -8.59 -15.39 -4.48
C GLN A 139 -8.70 -15.06 -5.95
N SER A 140 -8.52 -13.79 -6.30
CA SER A 140 -8.51 -13.36 -7.68
C SER A 140 -7.21 -13.79 -8.40
N THR A 141 -7.33 -14.27 -9.64
CA THR A 141 -6.14 -14.55 -10.44
C THR A 141 -5.65 -13.29 -11.13
N ARG A 142 -6.46 -12.23 -11.16
CA ARG A 142 -6.07 -10.96 -11.76
C ARG A 142 -5.89 -9.90 -10.68
N LEU A 143 -4.92 -9.00 -10.87
CA LEU A 143 -4.71 -7.89 -9.95
C LEU A 143 -5.86 -6.91 -10.06
N LYS A 144 -6.49 -6.61 -8.92
CA LYS A 144 -7.62 -5.70 -8.85
C LYS A 144 -7.30 -4.45 -8.06
N MET A 145 -8.02 -3.38 -8.35
CA MET A 145 -7.89 -2.14 -7.59
C MET A 145 -9.26 -1.64 -7.17
N LEU A 146 -9.30 -0.83 -6.11
CA LEU A 146 -10.55 -0.30 -5.60
C LEU A 146 -10.34 1.07 -4.99
N GLU A 147 -11.20 2.02 -5.35
CA GLU A 147 -11.19 3.30 -4.70
C GLU A 147 -11.98 3.15 -3.38
N VAL A 148 -11.37 3.57 -2.28
CA VAL A 148 -12.02 3.49 -0.97
C VAL A 148 -12.00 4.86 -0.30
N PRO A 149 -13.19 5.37 0.06
CA PRO A 149 -13.32 6.59 0.85
C PRO A 149 -12.66 6.45 2.23
N TYR A 150 -11.97 7.49 2.69
CA TYR A 150 -11.59 7.52 4.10
C TYR A 150 -12.87 7.57 4.91
N VAL A 151 -12.85 6.92 6.06
CA VAL A 151 -14.01 6.82 6.93
C VAL A 151 -13.65 7.48 8.25
N ASP A 152 -14.58 8.26 8.79
CA ASP A 152 -14.33 8.96 10.04
C ASP A 152 -14.00 7.93 11.12
N ARG A 153 -12.91 8.18 11.84
CA ARG A 153 -12.43 7.31 12.93
C ARG A 153 -13.53 6.95 13.94
N ASN A 154 -14.34 7.93 14.32
CA ASN A 154 -15.39 7.70 15.29
C ASN A 154 -16.52 6.83 14.77
N SER A 155 -16.90 7.02 13.51
CA SER A 155 -17.88 6.17 12.87
C SER A 155 -17.38 4.73 12.86
N CYS A 156 -16.10 4.58 12.54
CA CYS A 156 -15.47 3.31 12.45
C CYS A 156 -15.38 2.62 13.81
N LYS A 157 -14.97 3.35 14.83
CA LYS A 157 -14.93 2.78 16.19
C LYS A 157 -16.31 2.21 16.56
N LEU A 158 -17.36 3.01 16.34
CA LEU A 158 -18.72 2.56 16.67
C LEU A 158 -19.12 1.30 15.92
N SER A 159 -18.59 1.11 14.71
CA SER A 159 -18.98 -0.02 13.89
C SER A 159 -18.22 -1.31 14.26
N SER A 160 -17.12 -1.18 15.01
CA SER A 160 -16.14 -2.26 15.11
C SER A 160 -16.26 -3.07 16.40
N SER A 161 -16.10 -4.39 16.29
CA SER A 161 -16.08 -5.25 17.49
C SER A 161 -14.76 -5.07 18.22
N PHE A 162 -13.76 -4.58 17.52
CA PHE A 162 -12.42 -4.52 18.05
C PHE A 162 -11.97 -3.08 18.12
N ILE A 163 -11.00 -2.83 19.01
CA ILE A 163 -10.39 -1.53 19.19
C ILE A 163 -9.69 -1.03 17.92
N ILE A 164 -10.04 0.19 17.53
CA ILE A 164 -9.37 0.87 16.44
C ILE A 164 -8.33 1.76 17.09
N THR A 165 -7.06 1.53 16.80
CA THR A 165 -6.02 2.31 17.47
C THR A 165 -5.57 3.50 16.62
N GLN A 166 -4.76 4.39 17.22
CA GLN A 166 -4.17 5.51 16.50
C GLN A 166 -3.26 5.02 15.36
N ASN A 167 -2.86 3.74 15.40
CA ASN A 167 -2.02 3.14 14.34
C ASN A 167 -2.78 2.58 13.14
N MET A 168 -4.10 2.78 13.15
CA MET A 168 -5.04 2.26 12.17
C MET A 168 -5.86 3.40 11.65
N PHE A 169 -6.35 3.26 10.42
CA PHE A 169 -7.45 4.08 9.97
C PHE A 169 -8.44 3.20 9.20
N CYS A 170 -9.63 3.73 8.92
CA CYS A 170 -10.71 2.99 8.28
C CYS A 170 -11.01 3.56 6.92
N ALA A 171 -11.40 2.69 5.99
CA ALA A 171 -11.71 3.19 4.66
C ALA A 171 -12.70 2.22 4.05
N GLY A 172 -13.45 2.68 3.06
CA GLY A 172 -14.35 1.77 2.40
C GLY A 172 -15.77 2.21 2.57
N TYR A 173 -16.68 1.25 2.64
CA TYR A 173 -18.10 1.54 2.53
C TYR A 173 -18.93 0.90 3.61
N ASP A 174 -19.96 1.63 4.02
CA ASP A 174 -20.87 1.15 5.03
C ASP A 174 -21.60 -0.09 4.51
N THR A 175 -22.32 0.06 3.39
CA THR A 175 -23.17 -1.04 2.90
C THR A 175 -22.79 -1.50 1.48
N LYS A 176 -22.22 -0.61 0.69
CA LYS A 176 -21.83 -0.95 -0.69
C LYS A 176 -20.87 -2.13 -0.67
N GLN A 177 -21.10 -3.09 -1.57
CA GLN A 177 -20.35 -4.33 -1.60
C GLN A 177 -19.00 -4.18 -2.28
N GLU A 178 -18.14 -3.36 -1.66
CA GLU A 178 -16.79 -3.13 -2.15
C GLU A 178 -15.85 -2.97 -0.97
N ASP A 179 -14.74 -3.71 -0.99
CA ASP A 179 -13.80 -3.74 0.15
C ASP A 179 -12.59 -4.53 -0.31
N ALA A 180 -11.48 -4.37 0.40
CA ALA A 180 -10.39 -5.32 0.31
C ALA A 180 -10.85 -6.58 1.04
N CYS A 181 -10.13 -7.66 0.85
CA CYS A 181 -10.50 -8.88 1.53
C CYS A 181 -9.23 -9.68 1.86
N GLN A 182 -9.39 -10.82 2.52
CA GLN A 182 -8.27 -11.73 2.80
C GLN A 182 -7.48 -12.03 1.52
N GLY A 183 -6.16 -12.06 1.63
CA GLY A 183 -5.31 -12.13 0.45
C GLY A 183 -4.79 -10.77 -0.03
N ASP A 184 -5.57 -9.71 0.18
CA ASP A 184 -5.11 -8.34 -0.10
C ASP A 184 -4.26 -7.81 1.04
N SER A 185 -4.43 -8.40 2.23
CA SER A 185 -3.68 -8.06 3.44
C SER A 185 -2.20 -7.86 3.14
N GLY A 186 -1.63 -6.79 3.67
CA GLY A 186 -0.21 -6.50 3.47
C GLY A 186 0.04 -5.59 2.28
N GLY A 187 -0.98 -5.48 1.43
CA GLY A 187 -0.89 -4.72 0.22
C GLY A 187 -1.03 -3.22 0.37
N PRO A 188 -0.98 -2.51 -0.75
CA PRO A 188 -0.90 -1.04 -0.70
C PRO A 188 -2.24 -0.38 -0.56
N HIS A 189 -2.26 0.67 0.24
CA HIS A 189 -3.33 1.65 0.17
C HIS A 189 -2.57 2.92 -0.17
N VAL A 190 -2.88 3.50 -1.32
CA VAL A 190 -2.19 4.71 -1.76
C VAL A 190 -3.18 5.84 -1.96
N THR A 191 -2.68 7.05 -1.80
CA THR A 191 -3.49 8.23 -1.97
C THR A 191 -2.84 9.15 -2.99
N ARG A 192 -3.61 9.52 -4.00
CA ARG A 192 -3.14 10.42 -5.02
C ARG A 192 -3.16 11.84 -4.50
N PHE A 193 -2.05 12.54 -4.68
CA PHE A 193 -2.04 13.97 -4.49
C PHE A 193 -1.51 14.62 -5.75
N LYS A 194 -2.42 15.28 -6.46
CA LYS A 194 -2.17 15.79 -7.80
C LYS A 194 -1.91 14.61 -8.77
N ASP A 195 -0.66 14.38 -9.16
CA ASP A 195 -0.35 13.24 -10.05
C ASP A 195 0.58 12.17 -9.44
N THR A 196 0.92 12.33 -8.17
CA THR A 196 1.81 11.41 -7.47
C THR A 196 1.03 10.57 -6.44
N TYR A 197 1.27 9.26 -6.45
CA TYR A 197 0.66 8.34 -5.48
C TYR A 197 1.57 8.03 -4.32
N PHE A 198 1.06 8.31 -3.12
CA PHE A 198 1.83 8.13 -1.91
C PHE A 198 1.23 6.97 -1.12
N VAL A 199 2.09 6.17 -0.51
CA VAL A 199 1.61 5.08 0.31
C VAL A 199 1.12 5.67 1.63
N THR A 200 -0.17 5.44 1.90
CA THR A 200 -0.84 5.92 3.09
C THR A 200 -1.27 4.79 4.04
N GLY A 201 -1.44 3.58 3.53
CA GLY A 201 -1.89 2.47 4.36
C GLY A 201 -1.35 1.12 3.95
N ILE A 202 -1.50 0.16 4.85
CA ILE A 202 -1.20 -1.24 4.57
C ILE A 202 -2.52 -1.93 4.85
N VAL A 203 -3.03 -2.68 3.86
CA VAL A 203 -4.24 -3.49 4.01
C VAL A 203 -4.05 -4.41 5.24
N SER A 204 -4.93 -4.28 6.23
CA SER A 204 -4.69 -4.94 7.51
C SER A 204 -5.78 -5.96 7.83
N TRP A 205 -7.02 -5.52 8.06
CA TRP A 205 -8.06 -6.46 8.49
C TRP A 205 -9.45 -5.89 8.35
N GLY A 206 -10.44 -6.77 8.49
CA GLY A 206 -11.82 -6.36 8.59
C GLY A 206 -12.65 -7.52 9.10
N GLU A 207 -13.82 -7.20 9.66
CA GLU A 207 -14.80 -8.23 10.04
C GLU A 207 -15.58 -8.64 8.84
N GLY A 208 -15.30 -9.86 8.37
CA GLY A 208 -15.71 -10.33 7.04
C GLY A 208 -15.08 -9.54 5.92
N CYS A 209 -15.78 -9.44 4.80
CA CYS A 209 -15.35 -8.62 3.69
C CYS A 209 -16.60 -8.00 3.11
N ALA A 210 -16.53 -6.71 2.80
CA ALA A 210 -17.67 -5.93 2.30
C ALA A 210 -18.96 -6.08 3.11
N ARG A 211 -18.83 -6.38 4.41
CA ARG A 211 -19.98 -6.54 5.31
C ARG A 211 -20.69 -5.23 5.56
N LYS A 212 -22.03 -5.29 5.56
CA LYS A 212 -22.86 -4.13 5.89
C LYS A 212 -22.53 -3.65 7.30
N GLY A 213 -22.31 -2.35 7.44
CA GLY A 213 -21.99 -1.79 8.78
C GLY A 213 -20.58 -2.07 9.28
N LYS A 214 -19.69 -2.55 8.39
CA LYS A 214 -18.28 -2.76 8.73
C LYS A 214 -17.37 -2.10 7.67
N TYR A 215 -16.18 -1.67 8.08
CA TYR A 215 -15.27 -0.97 7.17
C TYR A 215 -13.97 -1.75 7.04
N GLY A 216 -13.10 -1.32 6.15
CA GLY A 216 -11.79 -1.94 6.06
C GLY A 216 -10.84 -1.18 6.96
N ILE A 217 -9.95 -1.92 7.60
CA ILE A 217 -9.03 -1.34 8.54
C ILE A 217 -7.63 -1.45 7.95
N TYR A 218 -6.92 -0.33 7.99
CA TYR A 218 -5.59 -0.23 7.43
C TYR A 218 -4.62 0.23 8.48
N THR A 219 -3.37 -0.20 8.37
CA THR A 219 -2.29 0.37 9.15
C THR A 219 -2.01 1.78 8.62
N LYS A 220 -1.99 2.75 9.53
CA LYS A 220 -1.75 4.15 9.21
C LYS A 220 -0.24 4.34 9.03
N VAL A 221 0.22 4.41 7.79
CA VAL A 221 1.67 4.48 7.53
C VAL A 221 2.35 5.74 8.13
N THR A 222 1.62 6.84 8.20
CA THR A 222 2.17 8.09 8.77
C THR A 222 2.68 7.88 10.20
N ALA A 223 2.05 6.99 10.96
CA ALA A 223 2.47 6.72 12.33
C ALA A 223 3.81 5.97 12.35
N PHE A 224 4.23 5.42 11.22
CA PHE A 224 5.41 4.57 11.17
C PHE A 224 6.50 5.03 10.20
N LEU A 225 6.39 6.27 9.73
CA LEU A 225 7.34 6.82 8.76
C LEU A 225 8.79 6.84 9.26
N LYS A 226 8.99 7.20 10.52
CA LYS A 226 10.32 7.11 11.15
C LYS A 226 10.78 5.66 11.34
N TRP A 227 9.84 4.77 11.65
CA TRP A 227 10.14 3.36 11.82
C TRP A 227 10.54 2.74 10.47
N ILE A 228 9.85 3.14 9.40
CA ILE A 228 10.15 2.64 8.07
C ILE A 228 11.55 3.15 7.65
N ASP A 229 11.80 4.43 7.88
CA ASP A 229 13.11 5.02 7.56
C ASP A 229 14.23 4.27 8.28
N ARG A 230 14.04 4.03 9.58
CA ARG A 230 15.00 3.30 10.40
C ARG A 230 15.18 1.86 9.89
N SER A 231 14.07 1.18 9.58
CA SER A 231 14.13 -0.18 9.05
C SER A 231 14.82 -0.27 7.69
N MET A 232 14.67 0.77 6.86
CA MET A 232 15.25 0.73 5.52
C MET A 232 16.75 1.08 5.48
N LYS A 233 17.25 1.58 6.59
CA LYS A 233 18.67 1.87 6.74
C LYS A 233 19.37 0.73 7.48
N THR A 234 18.68 -0.41 7.60
CA THR A 234 19.14 -1.58 8.36
C THR A 234 19.20 -1.30 9.85
N ARG A 235 18.25 -1.54 10.58
N CYS B 4 0.78 27.37 3.99
CA CYS B 4 0.49 26.03 3.42
C CYS B 4 -0.99 25.66 3.43
N SER B 5 -1.73 26.20 4.40
CA SER B 5 -3.16 25.91 4.60
C SER B 5 -3.97 25.87 3.31
N LEU B 6 -3.84 26.90 2.49
CA LEU B 6 -4.60 26.97 1.25
C LEU B 6 -3.75 26.55 0.06
N ASP B 7 -4.35 25.72 -0.81
CA ASP B 7 -3.76 25.29 -2.08
C ASP B 7 -2.43 24.53 -1.95
N ASN B 8 -2.11 24.10 -0.72
CA ASN B 8 -0.88 23.37 -0.41
C ASN B 8 0.36 24.24 -0.69
N GLY B 9 0.18 25.56 -0.60
CA GLY B 9 1.20 26.53 -1.02
C GLY B 9 1.53 26.46 -2.50
N ASP B 10 0.57 25.96 -3.30
CA ASP B 10 0.74 25.72 -4.73
C ASP B 10 1.87 24.74 -5.09
N CYS B 11 2.29 23.94 -4.10
CA CYS B 11 3.34 22.93 -4.26
C CYS B 11 2.82 21.68 -4.94
N ASP B 12 3.66 21.06 -5.77
CA ASP B 12 3.30 19.80 -6.44
C ASP B 12 3.32 18.60 -5.50
N GLN B 13 4.23 18.61 -4.53
CA GLN B 13 4.33 17.56 -3.52
C GLN B 13 4.26 18.17 -2.13
N PHE B 14 5.36 18.12 -1.37
CA PHE B 14 5.32 18.60 0.02
C PHE B 14 5.35 20.14 0.12
N CYS B 15 4.69 20.69 1.14
CA CYS B 15 4.66 22.15 1.36
C CYS B 15 5.56 22.58 2.50
N VAL B 22 6.02 29.77 2.41
CA VAL B 22 5.89 28.54 1.64
C VAL B 22 7.24 28.00 1.22
N VAL B 23 7.52 26.76 1.58
CA VAL B 23 8.70 26.05 1.14
C VAL B 23 8.25 24.73 0.56
N CYS B 24 8.24 24.62 -0.78
CA CYS B 24 7.91 23.37 -1.45
C CYS B 24 9.06 22.38 -1.35
N SER B 25 8.76 21.09 -1.46
CA SER B 25 9.78 20.03 -1.53
C SER B 25 9.23 18.75 -2.17
N CYS B 26 10.12 17.79 -2.40
CA CYS B 26 9.74 16.59 -3.14
C CYS B 26 10.24 15.30 -2.50
N ALA B 27 9.62 14.20 -2.89
CA ALA B 27 10.03 12.86 -2.47
C ALA B 27 11.32 12.45 -3.19
N ARG B 28 12.02 11.49 -2.59
CA ARG B 28 13.15 10.79 -3.20
C ARG B 28 12.90 10.49 -4.68
N GLY B 29 13.92 10.71 -5.50
CA GLY B 29 13.84 10.47 -6.95
C GLY B 29 13.27 11.64 -7.71
N TYR B 30 13.07 12.75 -7.00
CA TYR B 30 12.55 13.99 -7.59
C TYR B 30 13.42 15.18 -7.16
N THR B 31 13.49 16.20 -8.02
CA THR B 31 14.14 17.47 -7.66
C THR B 31 13.14 18.62 -7.84
N LEU B 32 13.16 19.56 -6.91
CA LEU B 32 12.33 20.76 -7.02
C LEU B 32 12.72 21.55 -8.26
N ALA B 33 11.73 21.83 -9.10
CA ALA B 33 11.91 22.58 -10.36
C ALA B 33 12.48 23.98 -10.19
N ASP B 34 12.71 24.66 -11.32
CA ASP B 34 13.13 26.06 -11.33
C ASP B 34 12.12 26.95 -10.60
N ASN B 35 10.85 26.82 -11.00
CA ASN B 35 9.76 27.62 -10.41
C ASN B 35 9.60 27.47 -8.89
N GLY B 36 10.29 26.49 -8.31
CA GLY B 36 10.29 26.27 -6.86
C GLY B 36 9.02 25.62 -6.33
N LYS B 37 8.17 25.13 -7.22
CA LYS B 37 6.88 24.54 -6.85
C LYS B 37 6.68 23.13 -7.44
N ALA B 38 6.90 22.99 -8.74
CA ALA B 38 6.83 21.69 -9.41
C ALA B 38 7.97 20.75 -8.99
N CYS B 39 7.75 19.45 -9.17
CA CYS B 39 8.75 18.44 -8.85
C CYS B 39 9.14 17.68 -10.12
N ILE B 40 10.44 17.59 -10.36
CA ILE B 40 10.95 16.95 -11.58
C ILE B 40 11.53 15.56 -11.29
N PRO B 41 11.00 14.52 -11.96
CA PRO B 41 11.51 13.15 -11.77
C PRO B 41 12.92 12.99 -12.32
N THR B 42 13.81 12.36 -11.58
CA THR B 42 15.21 12.23 -12.00
C THR B 42 15.48 10.98 -12.86
N GLY B 43 14.75 9.90 -12.62
CA GLY B 43 14.88 8.68 -13.41
C GLY B 43 13.63 8.40 -14.22
N PRO B 44 13.63 7.30 -14.99
CA PRO B 44 12.46 6.91 -15.79
C PRO B 44 11.34 6.26 -14.97
N TYR B 45 11.65 5.74 -13.79
CA TYR B 45 10.64 5.11 -12.95
C TYR B 45 10.53 5.76 -11.57
N PRO B 46 10.10 7.04 -11.54
CA PRO B 46 10.07 7.73 -10.25
C PRO B 46 8.96 7.17 -9.36
N CYS B 47 9.18 7.16 -8.05
CA CYS B 47 8.14 6.75 -7.10
C CYS B 47 6.81 7.44 -7.36
N GLY B 48 5.73 6.65 -7.26
CA GLY B 48 4.38 7.18 -7.21
C GLY B 48 3.74 7.53 -8.55
N LYS B 49 4.42 7.21 -9.64
CA LYS B 49 3.91 7.46 -10.98
C LYS B 49 3.52 6.14 -11.60
N GLN B 50 2.31 6.07 -12.13
CA GLN B 50 1.89 4.90 -12.88
C GLN B 50 2.81 4.79 -14.09
N THR B 51 3.05 3.56 -14.55
CA THR B 51 4.04 3.36 -15.63
C THR B 51 3.40 3.37 -17.02
N LEU B 52 4.12 3.89 -18.01
CA LEU B 52 3.66 3.88 -19.41
C LEU B 52 4.68 3.17 -20.31
N GLU B 53 4.20 2.49 -21.35
CA GLU B 53 5.12 1.81 -22.28
C GLU B 53 5.80 2.80 -23.21
N ARG B 54 5.17 3.72 -23.72
#